data_8X0N
#
_entry.id   8X0N
#
_cell.length_a   101.298
_cell.length_b   101.298
_cell.length_c   55.339
_cell.angle_alpha   90.00
_cell.angle_beta   90.00
_cell.angle_gamma   90.00
#
_symmetry.space_group_name_H-M   'P 43 21 2'
#
loop_
_entity.id
_entity.type
_entity.pdbx_description
1 polymer 'Heterogeneous nuclear ribonucleoprotein A1'
2 polymer "RNA (5'-R(*UP*UP*AP*GP*GP*GP*UP*UP*AP*GP*GP*G)-3')"
#
loop_
_entity_poly.entity_id
_entity_poly.type
_entity_poly.pdbx_seq_one_letter_code
_entity_poly.pdbx_strand_id
1 'polypeptide(L)'
;MSKSESPKEPEQLRKLFIGGLSFETTDESLRSHFEQWGTLTDCVVMRDPNTKRSRGFGFVTYATVEEVDAAMNARPHKVD
GRVVEPKRAVSREDSQRPGAHLTVKKIFVGGIKEDTEEHHLRDYFEQYGKIEVIEIMTDRGSGKKRGFAFVTFDDHDSVD
KIVIQKYHTVNGHNCEVRKALSKQEMASASSSQRGRHHHHHH
;
A
2 'polyribonucleotide' UUAGGGUUAGGG B
#
loop_
_chem_comp.id
_chem_comp.type
_chem_comp.name
_chem_comp.formula
A RNA linking ADENOSINE-5'-MONOPHOSPHATE 'C10 H14 N5 O7 P'
G RNA linking GUANOSINE-5'-MONOPHOSPHATE 'C10 H14 N5 O8 P'
U RNA linking URIDINE-5'-MONOPHOSPHATE 'C9 H13 N2 O9 P'
#
# COMPACT_ATOMS: atom_id res chain seq x y z
N SER A 6 -13.35 -19.52 -9.49
CA SER A 6 -13.56 -19.76 -8.06
C SER A 6 -12.77 -18.81 -7.15
N PRO A 7 -12.89 -17.48 -7.36
CA PRO A 7 -12.10 -16.56 -6.53
C PRO A 7 -12.94 -15.94 -5.41
N LYS A 8 -12.65 -16.31 -4.16
CA LYS A 8 -13.40 -15.75 -3.04
C LYS A 8 -13.08 -14.28 -2.85
N GLU A 9 -11.80 -13.96 -2.61
CA GLU A 9 -11.41 -12.59 -2.32
C GLU A 9 -11.62 -11.71 -3.56
N PRO A 10 -11.82 -10.40 -3.36
CA PRO A 10 -12.10 -9.52 -4.49
C PRO A 10 -10.89 -9.35 -5.40
N GLU A 11 -11.12 -8.63 -6.50
CA GLU A 11 -10.07 -8.46 -7.51
C GLU A 11 -9.03 -7.43 -7.07
N GLN A 12 -9.47 -6.29 -6.54
CA GLN A 12 -8.53 -5.23 -6.19
C GLN A 12 -7.58 -5.67 -5.09
N LEU A 13 -8.08 -6.43 -4.11
CA LEU A 13 -7.23 -6.93 -3.04
C LEU A 13 -6.23 -7.96 -3.54
N ARG A 14 -6.52 -8.63 -4.66
CA ARG A 14 -5.62 -9.63 -5.24
C ARG A 14 -4.73 -9.06 -6.34
N LYS A 15 -4.94 -7.81 -6.74
CA LYS A 15 -4.20 -7.21 -7.84
C LYS A 15 -3.01 -6.41 -7.31
N LEU A 16 -1.90 -6.47 -8.04
CA LEU A 16 -0.70 -5.71 -7.73
C LEU A 16 -0.32 -4.84 -8.93
N PHE A 17 -0.03 -3.57 -8.67
CA PHE A 17 0.53 -2.69 -9.68
C PHE A 17 2.04 -2.90 -9.72
N ILE A 18 2.57 -3.19 -10.91
CA ILE A 18 3.99 -3.45 -11.09
C ILE A 18 4.56 -2.30 -11.90
N GLY A 19 5.13 -1.31 -11.21
CA GLY A 19 5.70 -0.17 -11.88
C GLY A 19 7.18 -0.31 -12.17
N GLY A 20 7.66 0.51 -13.10
CA GLY A 20 9.05 0.47 -13.48
C GLY A 20 9.45 -0.71 -14.32
N LEU A 21 8.51 -1.32 -15.04
CA LEU A 21 8.81 -2.51 -15.84
C LEU A 21 9.76 -2.15 -16.97
N SER A 22 10.79 -2.97 -17.15
CA SER A 22 11.66 -2.83 -18.30
C SER A 22 10.84 -2.94 -19.58
N PHE A 23 11.18 -2.12 -20.57
CA PHE A 23 10.40 -2.07 -21.80
C PHE A 23 10.47 -3.37 -22.59
N GLU A 24 11.32 -4.31 -22.19
CA GLU A 24 11.38 -5.64 -22.79
C GLU A 24 10.41 -6.62 -22.14
N THR A 25 9.66 -6.20 -21.14
CA THR A 25 8.78 -7.11 -20.41
C THR A 25 7.45 -7.28 -21.15
N THR A 26 7.12 -8.51 -21.48
CA THR A 26 5.84 -8.84 -22.07
C THR A 26 4.89 -9.39 -20.99
N ASP A 27 3.64 -9.64 -21.40
CA ASP A 27 2.72 -10.37 -20.53
C ASP A 27 3.32 -11.71 -20.11
N GLU A 28 3.99 -12.38 -21.04
CA GLU A 28 4.50 -13.73 -20.77
C GLU A 28 5.67 -13.70 -19.80
N SER A 29 6.62 -12.78 -20.00
CA SER A 29 7.75 -12.69 -19.10
C SER A 29 7.34 -12.12 -17.74
N LEU A 30 6.30 -11.28 -17.71
CA LEU A 30 5.77 -10.84 -16.43
C LEU A 30 5.06 -11.98 -15.71
N ARG A 31 4.37 -12.84 -16.46
CA ARG A 31 3.70 -13.98 -15.85
C ARG A 31 4.71 -15.04 -15.41
N SER A 32 5.71 -15.32 -16.25
CA SER A 32 6.70 -16.33 -15.92
C SER A 32 7.55 -15.96 -14.72
N HIS A 33 7.50 -14.70 -14.26
CA HIS A 33 8.20 -14.31 -13.05
C HIS A 33 7.30 -14.45 -11.82
N PHE A 34 6.14 -13.82 -11.84
CA PHE A 34 5.30 -13.75 -10.66
C PHE A 34 4.49 -15.03 -10.43
N GLU A 35 4.52 -15.98 -11.37
CA GLU A 35 3.84 -17.25 -11.13
C GLU A 35 4.59 -18.13 -10.14
N GLN A 36 5.81 -17.75 -9.75
CA GLN A 36 6.54 -18.51 -8.74
C GLN A 36 5.94 -18.40 -7.35
N TRP A 37 5.00 -17.47 -7.15
CA TRP A 37 4.39 -17.26 -5.84
C TRP A 37 2.88 -17.51 -5.87
N GLY A 38 2.39 -18.20 -6.88
CA GLY A 38 0.99 -18.58 -6.94
C GLY A 38 0.50 -18.64 -8.36
N THR A 39 -0.82 -18.79 -8.49
CA THR A 39 -1.48 -18.80 -9.79
C THR A 39 -1.97 -17.40 -10.13
N LEU A 40 -1.81 -17.01 -11.39
CA LEU A 40 -2.14 -15.67 -11.84
C LEU A 40 -3.51 -15.66 -12.50
N THR A 41 -4.47 -15.01 -11.85
CA THR A 41 -5.78 -14.81 -12.46
C THR A 41 -5.66 -13.91 -13.69
N ASP A 42 -4.81 -12.89 -13.62
CA ASP A 42 -4.69 -11.88 -14.66
C ASP A 42 -3.29 -11.31 -14.61
N CYS A 43 -2.73 -11.03 -15.79
CA CYS A 43 -1.36 -10.54 -15.90
C CYS A 43 -1.24 -9.79 -17.22
N VAL A 44 -1.08 -8.47 -17.15
CA VAL A 44 -1.08 -7.63 -18.35
C VAL A 44 0.04 -6.61 -18.25
N VAL A 45 0.68 -6.33 -19.38
CA VAL A 45 1.65 -5.24 -19.52
C VAL A 45 0.95 -4.12 -20.28
N MET A 46 0.82 -2.96 -19.64
CA MET A 46 0.12 -1.85 -20.25
C MET A 46 0.96 -1.25 -21.37
N ARG A 47 0.34 -1.03 -22.52
CA ARG A 47 1.03 -0.51 -23.69
C ARG A 47 0.24 0.63 -24.30
N ASP A 48 0.92 1.40 -25.15
CA ASP A 48 0.25 2.48 -25.86
C ASP A 48 -0.60 1.92 -26.99
N PRO A 49 -1.83 2.39 -27.15
CA PRO A 49 -2.73 1.79 -28.16
C PRO A 49 -2.20 1.88 -29.58
N ASN A 50 -1.38 2.89 -29.88
CA ASN A 50 -0.86 3.07 -31.24
C ASN A 50 0.48 2.37 -31.43
N THR A 51 1.49 2.76 -30.64
CA THR A 51 2.83 2.20 -30.77
C THR A 51 2.92 0.78 -30.24
N LYS A 52 2.05 0.40 -29.31
CA LYS A 52 2.14 -0.87 -28.58
C LYS A 52 3.45 -1.01 -27.82
N ARG A 53 4.15 0.10 -27.60
CA ARG A 53 5.34 0.08 -26.76
C ARG A 53 4.95 0.12 -25.29
N SER A 54 5.78 -0.51 -24.46
CA SER A 54 5.46 -0.63 -23.05
C SER A 54 5.39 0.74 -22.38
N ARG A 55 4.37 0.93 -21.55
CA ARG A 55 4.21 2.15 -20.78
C ARG A 55 4.91 2.09 -19.43
N GLY A 56 5.71 1.05 -19.19
CA GLY A 56 6.52 0.98 -17.99
C GLY A 56 5.82 0.47 -16.76
N PHE A 57 4.59 -0.02 -16.88
CA PHE A 57 3.90 -0.59 -15.73
C PHE A 57 2.93 -1.65 -16.20
N GLY A 58 2.51 -2.49 -15.26
CA GLY A 58 1.57 -3.56 -15.55
C GLY A 58 0.84 -3.96 -14.29
N PHE A 59 0.02 -5.01 -14.43
CA PHE A 59 -0.78 -5.52 -13.32
C PHE A 59 -0.68 -7.04 -13.27
N VAL A 60 -0.63 -7.58 -12.07
CA VAL A 60 -0.73 -9.01 -11.82
C VAL A 60 -1.81 -9.23 -10.78
N THR A 61 -2.54 -10.34 -10.92
CA THR A 61 -3.61 -10.68 -10.00
C THR A 61 -3.53 -12.15 -9.64
N TYR A 62 -3.34 -12.44 -8.36
CA TYR A 62 -3.27 -13.81 -7.88
C TYR A 62 -4.67 -14.35 -7.58
N ALA A 63 -4.75 -15.66 -7.36
CA ALA A 63 -6.01 -16.27 -6.96
C ALA A 63 -6.30 -16.04 -5.48
N THR A 64 -5.26 -15.93 -4.66
CA THR A 64 -5.40 -15.67 -3.24
C THR A 64 -4.66 -14.39 -2.87
N VAL A 65 -5.14 -13.72 -1.82
CA VAL A 65 -4.38 -12.63 -1.24
C VAL A 65 -3.18 -13.19 -0.48
N GLU A 66 -3.28 -14.44 -0.04
CA GLU A 66 -2.13 -15.13 0.55
C GLU A 66 -0.95 -15.13 -0.41
N GLU A 67 -1.21 -15.48 -1.69
CA GLU A 67 -0.17 -15.43 -2.70
C GLU A 67 0.31 -14.02 -2.95
N VAL A 68 -0.59 -13.03 -2.82
CA VAL A 68 -0.19 -11.63 -2.99
C VAL A 68 0.79 -11.22 -1.88
N ASP A 69 0.52 -11.66 -0.65
CA ASP A 69 1.45 -11.36 0.44
C ASP A 69 2.75 -12.13 0.27
N ALA A 70 2.67 -13.38 -0.17
CA ALA A 70 3.89 -14.16 -0.42
C ALA A 70 4.73 -13.53 -1.53
N ALA A 71 4.07 -12.96 -2.54
CA ALA A 71 4.79 -12.23 -3.58
C ALA A 71 5.52 -11.03 -2.99
N MET A 72 4.83 -10.28 -2.12
CA MET A 72 5.46 -9.09 -1.53
C MET A 72 6.58 -9.47 -0.56
N ASN A 73 6.50 -10.66 0.04
CA ASN A 73 7.60 -11.13 0.88
C ASN A 73 8.85 -11.47 0.08
N ALA A 74 8.78 -11.41 -1.25
CA ALA A 74 9.89 -11.75 -2.12
C ALA A 74 10.56 -10.52 -2.71
N ARG A 75 10.30 -9.34 -2.16
CA ARG A 75 10.99 -8.15 -2.63
C ARG A 75 12.47 -8.23 -2.28
N PRO A 76 13.37 -7.74 -3.16
CA PRO A 76 13.04 -7.06 -4.41
C PRO A 76 12.75 -8.03 -5.55
N HIS A 77 12.12 -7.53 -6.60
CA HIS A 77 11.80 -8.33 -7.78
C HIS A 77 12.59 -7.81 -8.97
N LYS A 78 13.40 -8.68 -9.57
CA LYS A 78 14.13 -8.37 -10.79
C LYS A 78 13.43 -9.10 -11.94
N VAL A 79 12.65 -8.37 -12.72
CA VAL A 79 11.97 -8.90 -13.89
C VAL A 79 12.70 -8.39 -15.13
N ASP A 80 13.13 -9.31 -15.99
CA ASP A 80 13.83 -8.98 -17.22
C ASP A 80 15.05 -8.10 -16.96
N GLY A 81 15.76 -8.42 -15.88
CA GLY A 81 16.99 -7.71 -15.57
C GLY A 81 16.81 -6.31 -15.04
N ARG A 82 15.72 -6.04 -14.34
CA ARG A 82 15.44 -4.71 -13.82
C ARG A 82 14.60 -4.83 -12.56
N VAL A 83 14.95 -4.02 -11.55
CA VAL A 83 14.22 -4.01 -10.28
C VAL A 83 12.91 -3.26 -10.49
N VAL A 84 11.80 -3.92 -10.18
CA VAL A 84 10.47 -3.34 -10.33
C VAL A 84 9.90 -3.03 -8.95
N GLU A 85 8.96 -2.09 -8.93
CA GLU A 85 8.34 -1.65 -7.69
C GLU A 85 6.88 -2.11 -7.64
N PRO A 86 6.57 -3.23 -6.99
CA PRO A 86 5.18 -3.68 -6.91
C PRO A 86 4.43 -2.98 -5.79
N LYS A 87 3.18 -2.63 -6.08
CA LYS A 87 2.33 -1.91 -5.13
C LYS A 87 0.94 -2.54 -5.12
N ARG A 88 0.34 -2.61 -3.94
CA ARG A 88 -1.05 -3.04 -3.85
C ARG A 88 -1.93 -2.14 -4.72
N ALA A 89 -2.89 -2.76 -5.39
CA ALA A 89 -3.72 -2.03 -6.35
C ALA A 89 -4.53 -0.94 -5.65
N VAL A 90 -4.44 0.27 -6.19
CA VAL A 90 -5.20 1.41 -5.68
C VAL A 90 -6.43 1.59 -6.56
N SER A 91 -7.58 1.77 -5.92
CA SER A 91 -8.83 1.99 -6.64
C SER A 91 -8.69 3.14 -7.64
N ARG A 92 -9.46 3.08 -8.72
CA ARG A 92 -9.52 4.20 -9.64
C ARG A 92 -10.09 5.45 -8.98
N GLU A 93 -10.86 5.29 -7.89
CA GLU A 93 -11.23 6.40 -7.03
C GLU A 93 -9.99 7.06 -6.45
N ASP A 94 -9.35 6.34 -5.52
CA ASP A 94 -8.27 6.91 -4.73
C ASP A 94 -7.10 7.37 -5.60
N SER A 95 -6.91 6.76 -6.77
CA SER A 95 -5.83 7.16 -7.65
C SER A 95 -5.98 8.60 -8.13
N GLN A 96 -7.18 9.16 -8.07
CA GLN A 96 -7.34 10.58 -8.38
C GLN A 96 -6.96 11.47 -7.21
N ARG A 97 -7.06 10.94 -5.98
CA ARG A 97 -6.69 11.71 -4.80
C ARG A 97 -5.18 11.92 -4.75
N PRO A 98 -4.72 13.04 -4.19
CA PRO A 98 -3.29 13.31 -4.18
C PRO A 98 -2.54 12.39 -3.23
N GLY A 99 -1.36 11.96 -3.66
CA GLY A 99 -0.48 11.17 -2.82
C GLY A 99 -0.85 9.71 -2.67
N ALA A 100 -1.86 9.23 -3.39
CA ALA A 100 -2.27 7.83 -3.24
C ALA A 100 -1.18 6.88 -3.74
N HIS A 101 -0.42 7.27 -4.75
CA HIS A 101 0.61 6.43 -5.33
C HIS A 101 1.98 6.63 -4.69
N LEU A 102 2.10 7.57 -3.74
CA LEU A 102 3.38 7.81 -3.11
C LEU A 102 3.76 6.65 -2.19
N THR A 103 5.01 6.24 -2.28
CA THR A 103 5.53 5.19 -1.40
C THR A 103 5.95 5.84 -0.08
N VAL A 104 5.19 5.59 0.98
CA VAL A 104 5.48 6.15 2.30
C VAL A 104 5.44 5.02 3.33
N LYS A 105 6.13 5.26 4.45
CA LYS A 105 6.15 4.33 5.57
C LYS A 105 5.39 4.87 6.78
N LYS A 106 4.74 6.02 6.63
CA LYS A 106 4.02 6.67 7.72
C LYS A 106 2.58 6.92 7.32
N ILE A 107 1.69 6.91 8.32
CA ILE A 107 0.28 7.16 8.10
C ILE A 107 -0.19 8.29 9.00
N PHE A 108 -1.26 8.95 8.57
CA PHE A 108 -2.00 9.89 9.38
C PHE A 108 -3.20 9.17 10.00
N VAL A 109 -3.42 9.40 11.28
CA VAL A 109 -4.57 8.82 12.00
C VAL A 109 -5.28 9.96 12.70
N GLY A 110 -6.43 10.37 12.18
CA GLY A 110 -7.21 11.47 12.73
C GLY A 110 -8.49 10.98 13.38
N GLY A 111 -8.85 11.62 14.49
CA GLY A 111 -10.06 11.27 15.21
C GLY A 111 -9.86 10.47 16.47
N ILE A 112 -8.63 10.36 16.98
CA ILE A 112 -8.37 9.56 18.16
C ILE A 112 -8.91 10.23 19.43
N LYS A 113 -9.12 11.54 19.40
CA LYS A 113 -10.02 12.23 20.34
C LYS A 113 -9.51 12.23 21.79
N GLU A 114 -8.26 12.68 21.98
CA GLU A 114 -7.80 13.16 23.27
C GLU A 114 -7.75 12.13 24.41
N ASP A 115 -8.10 10.87 24.15
CA ASP A 115 -7.99 9.83 25.16
C ASP A 115 -7.26 8.60 24.65
N THR A 116 -6.61 8.71 23.49
CA THR A 116 -5.91 7.59 22.87
C THR A 116 -4.41 7.79 23.08
N GLU A 117 -3.76 6.77 23.64
CA GLU A 117 -2.33 6.79 23.90
C GLU A 117 -1.62 5.87 22.92
N GLU A 118 -0.29 5.78 23.08
CA GLU A 118 0.53 5.00 22.15
C GLU A 118 0.09 3.53 22.12
N HIS A 119 -0.14 2.94 23.29
CA HIS A 119 -0.46 1.53 23.35
C HIS A 119 -1.76 1.22 22.61
N HIS A 120 -2.71 2.17 22.59
CA HIS A 120 -3.92 1.97 21.81
C HIS A 120 -3.58 1.84 20.32
N LEU A 121 -2.72 2.72 19.81
CA LEU A 121 -2.31 2.62 18.42
C LEU A 121 -1.45 1.39 18.18
N ARG A 122 -0.54 1.10 19.12
CA ARG A 122 0.34 -0.06 18.96
C ARG A 122 -0.46 -1.35 18.91
N ASP A 123 -1.37 -1.55 19.87
CA ASP A 123 -2.15 -2.78 19.92
C ASP A 123 -3.03 -2.94 18.68
N TYR A 124 -3.48 -1.82 18.10
CA TYR A 124 -4.34 -1.93 16.92
C TYR A 124 -3.52 -2.13 15.66
N PHE A 125 -2.50 -1.30 15.45
CA PHE A 125 -1.80 -1.28 14.17
C PHE A 125 -0.70 -2.33 14.06
N GLU A 126 -0.37 -3.03 15.15
CA GLU A 126 0.59 -4.13 15.05
C GLU A 126 0.11 -5.19 14.08
N GLN A 127 -1.20 -5.38 13.97
CA GLN A 127 -1.77 -6.43 13.14
C GLN A 127 -1.52 -6.22 11.64
N TYR A 128 -0.95 -5.08 11.25
CA TYR A 128 -0.67 -4.79 9.85
C TYR A 128 0.81 -4.82 9.51
N GLY A 129 1.69 -4.80 10.49
CA GLY A 129 3.12 -4.82 10.24
C GLY A 129 3.89 -4.37 11.45
N LYS A 130 5.22 -4.45 11.33
CA LYS A 130 6.09 -4.02 12.40
C LYS A 130 6.11 -2.50 12.49
N ILE A 131 5.94 -1.97 13.70
CA ILE A 131 5.83 -0.53 13.93
C ILE A 131 7.19 0.01 14.31
N GLU A 132 7.56 1.15 13.71
CA GLU A 132 8.81 1.83 14.03
C GLU A 132 8.60 2.90 15.10
N VAL A 133 7.75 3.88 14.81
CA VAL A 133 7.50 5.00 15.71
C VAL A 133 6.01 5.20 15.86
N ILE A 134 5.59 5.70 17.02
CA ILE A 134 4.22 6.11 17.28
C ILE A 134 4.26 7.50 17.92
N GLU A 135 3.71 8.49 17.23
CA GLU A 135 3.78 9.88 17.64
C GLU A 135 2.37 10.40 17.88
N ILE A 136 2.00 10.54 19.16
CA ILE A 136 0.74 11.16 19.55
C ILE A 136 0.95 12.67 19.53
N MET A 137 0.30 13.36 18.60
CA MET A 137 0.51 14.78 18.41
C MET A 137 -0.18 15.59 19.50
N THR A 138 0.58 16.42 20.19
CA THR A 138 0.07 17.27 21.26
C THR A 138 0.48 18.71 21.02
N ASP A 139 -0.26 19.62 21.64
CA ASP A 139 0.06 21.05 21.57
C ASP A 139 1.22 21.33 22.51
N ARG A 140 2.29 21.93 21.97
CA ARG A 140 3.46 22.25 22.75
C ARG A 140 3.11 23.25 23.86
N GLY A 141 3.81 23.13 24.99
CA GLY A 141 3.59 24.04 26.10
C GLY A 141 2.27 23.86 26.80
N SER A 142 1.19 23.70 26.04
CA SER A 142 -0.12 23.45 26.62
C SER A 142 -0.31 21.99 27.02
N GLY A 143 0.39 21.08 26.35
CA GLY A 143 0.25 19.66 26.62
C GLY A 143 -1.04 19.03 26.16
N LYS A 144 -1.98 19.81 25.66
CA LYS A 144 -3.26 19.26 25.20
C LYS A 144 -3.05 18.37 23.99
N LYS A 145 -3.74 17.23 23.96
CA LYS A 145 -3.70 16.34 22.81
C LYS A 145 -4.53 16.92 21.67
N ARG A 146 -4.00 16.81 20.46
CA ARG A 146 -4.62 17.42 19.29
C ARG A 146 -5.57 16.50 18.55
N GLY A 147 -5.70 15.25 18.97
CA GLY A 147 -6.66 14.34 18.37
C GLY A 147 -6.21 13.71 17.07
N PHE A 148 -4.91 13.57 16.86
CA PHE A 148 -4.42 12.83 15.70
C PHE A 148 -3.00 12.37 15.98
N ALA A 149 -2.54 11.38 15.21
CA ALA A 149 -1.25 10.76 15.45
C ALA A 149 -0.64 10.30 14.13
N PHE A 150 0.66 10.03 14.18
CA PHE A 150 1.41 9.48 13.07
C PHE A 150 2.00 8.14 13.47
N VAL A 151 1.79 7.11 12.65
CA VAL A 151 2.35 5.78 12.88
C VAL A 151 3.25 5.43 11.72
N THR A 152 4.49 5.05 12.03
CA THR A 152 5.50 4.76 11.03
C THR A 152 5.87 3.29 11.09
N PHE A 153 5.71 2.60 9.96
CA PHE A 153 6.08 1.20 9.84
C PHE A 153 7.43 1.06 9.15
N ASP A 154 8.02 -0.13 9.27
CA ASP A 154 9.28 -0.40 8.61
C ASP A 154 9.12 -0.80 7.15
N ASP A 155 7.88 -1.10 6.72
CA ASP A 155 7.60 -1.53 5.36
C ASP A 155 6.47 -0.70 4.79
N HIS A 156 6.70 -0.14 3.60
CA HIS A 156 5.67 0.66 2.94
C HIS A 156 4.44 -0.16 2.60
N ASP A 157 4.61 -1.47 2.34
CA ASP A 157 3.49 -2.32 1.99
C ASP A 157 2.45 -2.38 3.11
N SER A 158 2.91 -2.32 4.36
CA SER A 158 1.97 -2.27 5.49
C SER A 158 1.06 -1.05 5.39
N VAL A 159 1.64 0.12 5.11
CA VAL A 159 0.86 1.34 4.94
C VAL A 159 -0.13 1.17 3.79
N ASP A 160 0.31 0.56 2.69
CA ASP A 160 -0.56 0.42 1.53
C ASP A 160 -1.74 -0.48 1.82
N LYS A 161 -1.54 -1.53 2.63
CA LYS A 161 -2.65 -2.40 3.00
C LYS A 161 -3.64 -1.69 3.91
N ILE A 162 -3.20 -0.67 4.64
CA ILE A 162 -4.08 -0.01 5.59
C ILE A 162 -4.93 1.05 4.90
N VAL A 163 -4.30 1.90 4.08
CA VAL A 163 -5.00 3.06 3.52
C VAL A 163 -6.03 2.69 2.48
N ILE A 164 -6.07 1.45 2.00
CA ILE A 164 -7.17 1.04 1.13
C ILE A 164 -8.48 0.99 1.89
N GLN A 165 -8.41 0.81 3.21
CA GLN A 165 -9.57 0.95 4.10
C GLN A 165 -9.40 2.29 4.82
N LYS A 166 -10.15 3.29 4.38
CA LYS A 166 -9.96 4.64 4.92
C LYS A 166 -10.35 4.71 6.39
N TYR A 167 -11.39 3.97 6.78
CA TYR A 167 -11.98 4.11 8.11
C TYR A 167 -11.61 2.93 8.98
N HIS A 168 -11.16 3.22 10.19
CA HIS A 168 -10.78 2.24 11.21
C HIS A 168 -11.35 2.68 12.54
N THR A 169 -11.79 1.71 13.35
CA THR A 169 -12.34 1.97 14.68
C THR A 169 -11.26 1.62 15.71
N VAL A 170 -10.66 2.64 16.30
CA VAL A 170 -9.58 2.48 17.26
C VAL A 170 -10.00 3.16 18.56
N ASN A 171 -9.92 2.41 19.67
CA ASN A 171 -10.17 2.95 21.01
C ASN A 171 -11.56 3.58 21.10
N GLY A 172 -12.53 2.96 20.44
CA GLY A 172 -13.89 3.48 20.46
C GLY A 172 -14.13 4.71 19.64
N HIS A 173 -13.29 4.97 18.64
CA HIS A 173 -13.44 6.12 17.75
C HIS A 173 -13.38 5.67 16.31
N ASN A 174 -14.20 6.30 15.46
CA ASN A 174 -14.14 6.09 14.01
C ASN A 174 -13.10 7.04 13.46
N CYS A 175 -11.93 6.51 13.13
CA CYS A 175 -10.78 7.29 12.70
C CYS A 175 -10.56 7.18 11.21
N GLU A 176 -9.90 8.18 10.64
CA GLU A 176 -9.48 8.18 9.25
C GLU A 176 -7.99 7.92 9.17
N VAL A 177 -7.59 7.06 8.23
CA VAL A 177 -6.18 6.74 8.01
C VAL A 177 -5.81 7.17 6.60
N ARG A 178 -4.86 8.10 6.50
CA ARG A 178 -4.37 8.59 5.22
C ARG A 178 -2.86 8.45 5.18
N LYS A 179 -2.31 8.42 3.97
CA LYS A 179 -0.87 8.41 3.81
C LYS A 179 -0.28 9.72 4.31
N ALA A 180 0.84 9.61 5.03
CA ALA A 180 1.47 10.80 5.59
C ALA A 180 2.12 11.61 4.47
N LEU A 181 1.58 12.80 4.22
CA LEU A 181 2.14 13.72 3.24
C LEU A 181 2.92 14.82 3.96
N SER A 182 4.08 15.17 3.41
CA SER A 182 4.86 16.24 3.99
C SER A 182 4.12 17.58 3.84
N LYS A 183 4.66 18.62 4.47
CA LYS A 183 4.09 19.94 4.31
C LYS A 183 4.28 20.47 2.88
N GLN A 184 5.34 20.02 2.20
CA GLN A 184 5.65 20.47 0.85
C GLN A 184 4.85 19.76 -0.24
N GLU A 185 4.11 18.71 0.11
CA GLU A 185 3.22 18.04 -0.83
C GLU A 185 1.76 18.41 -0.59
N MET A 186 1.50 19.46 0.20
CA MET A 186 0.14 19.91 0.44
C MET A 186 -0.01 21.39 0.07
#